data_9CS2
#
_entry.id   9CS2
#
_cell.length_a   58.084
_cell.length_b   78.987
_cell.length_c   124.979
_cell.angle_alpha   90.00
_cell.angle_beta   90.00
_cell.angle_gamma   90.00
#
_symmetry.space_group_name_H-M   'P 2 2 21'
#
loop_
_entity.id
_entity.type
_entity.pdbx_description
1 polymer 'Outer membrane protein assembly factor BamA'
2 polymer 'Cyclic peptide CP3'
3 non-polymer tetrabutylphosphonium
4 water water
#
loop_
_entity_poly.entity_id
_entity_poly.type
_entity_poly.pdbx_seq_one_letter_code
_entity_poly.pdbx_strand_id
1 'polypeptide(L)'
;MNTGSFNFGIGYGTESGVSFQAGVQQDNWLGTGYAVGINGTKNDYQTYAELSVTNPYFTVDGVSLGGRLFYNDFQADDAD
LSDYTNKSYGTDVTLGFPINEYNSLRAGLGYVHNSLSNMQPQVAMWRYLYSMGEHPSTSDQDNSFKTDDFTFNYGWTYNK
LDRGYFPTDGSRVNLTGKVTIPGSDNEYYKVTLDTATYVPIDDDHKWVVLGRTRWGYGDGLGGKEMPFYENFYAGGSSTV
RGFQSNTIGPKAVYFPHQASNYDPDYDYECATQDGAKDLCKSDDAVGGNAMAVASLEFITPTPFISDKYANSVRTSFFWD
MGTVWDTNWDSSQYSGYPDYSDPSNIRMSAGIALQWMSPLGPLVFSYAQPFKKYDGDKAEQFQFNIGKTW
;
A
2 'polypeptide(L)' (R3W)FRRY(A1AZQ)LDNYWV(DI8)YCG(NH2) B
#
# COMPACT_ATOMS: atom_id res chain seq x y z
N THR A 3 31.31 -6.30 -11.19
CA THR A 3 30.78 -6.07 -12.53
C THR A 3 29.27 -5.77 -12.50
N GLY A 4 28.77 -5.17 -13.58
CA GLY A 4 27.37 -4.82 -13.69
C GLY A 4 26.50 -6.05 -13.87
N SER A 5 25.22 -5.95 -13.53
CA SER A 5 24.30 -7.07 -13.65
C SER A 5 22.88 -6.67 -14.06
N PHE A 6 22.23 -7.54 -14.84
CA PHE A 6 20.85 -7.33 -15.28
C PHE A 6 19.94 -8.36 -14.60
N ASN A 7 18.68 -7.98 -14.32
CA ASN A 7 17.74 -8.89 -13.69
C ASN A 7 16.35 -8.75 -14.29
N PHE A 8 15.66 -9.88 -14.52
CA PHE A 8 14.32 -9.87 -15.10
C PHE A 8 13.48 -10.93 -14.39
N GLY A 9 12.33 -10.51 -13.89
CA GLY A 9 11.43 -11.41 -13.19
C GLY A 9 9.98 -11.29 -13.59
N ILE A 10 9.23 -12.35 -13.33
CA ILE A 10 7.80 -12.41 -13.59
C ILE A 10 7.16 -13.11 -12.40
N GLY A 11 6.10 -12.54 -11.90
CA GLY A 11 5.35 -13.09 -10.77
C GLY A 11 3.86 -13.01 -11.00
N TYR A 12 3.09 -13.51 -10.05
CA TYR A 12 1.64 -13.48 -10.14
C TYR A 12 1.01 -13.58 -8.76
N GLY A 13 -0.07 -12.86 -8.54
CA GLY A 13 -0.85 -12.97 -7.33
C GLY A 13 -2.25 -12.47 -7.52
N THR A 14 -3.12 -12.84 -6.61
CA THR A 14 -4.51 -12.33 -6.62
C THR A 14 -4.58 -10.81 -6.35
N GLU A 15 -3.58 -10.25 -5.65
CA GLU A 15 -3.62 -8.82 -5.31
C GLU A 15 -3.34 -7.89 -6.51
N SER A 16 -2.28 -8.21 -7.26
CA SER A 16 -1.84 -7.33 -8.31
C SER A 16 -1.76 -7.95 -9.70
N GLY A 17 -2.16 -9.22 -9.84
CA GLY A 17 -2.13 -9.89 -11.15
C GLY A 17 -0.72 -10.26 -11.57
N VAL A 18 -0.48 -10.28 -12.90
CA VAL A 18 0.84 -10.60 -13.42
C VAL A 18 1.74 -9.40 -13.16
N SER A 19 2.91 -9.65 -12.60
CA SER A 19 3.88 -8.60 -12.35
CA SER A 19 3.88 -8.60 -12.34
C SER A 19 5.15 -8.85 -13.17
N PHE A 20 5.69 -7.81 -13.77
CA PHE A 20 6.92 -7.88 -14.57
C PHE A 20 7.94 -6.96 -13.89
N GLN A 21 9.18 -7.42 -13.74
CA GLN A 21 10.24 -6.64 -13.12
C GLN A 21 11.45 -6.68 -14.03
N ALA A 22 12.10 -5.54 -14.29
CA ALA A 22 13.29 -5.49 -15.15
C ALA A 22 14.26 -4.45 -14.59
N GLY A 23 15.56 -4.75 -14.61
CA GLY A 23 16.54 -3.82 -14.08
C GLY A 23 18.02 -4.08 -14.34
N VAL A 24 18.83 -3.07 -14.03
CA VAL A 24 20.29 -3.09 -14.13
C VAL A 24 20.86 -2.51 -12.84
N GLN A 25 21.97 -3.07 -12.33
CA GLN A 25 22.59 -2.58 -11.12
C GLN A 25 24.11 -2.68 -11.23
N GLN A 26 24.83 -1.66 -10.74
CA GLN A 26 26.28 -1.71 -10.71
C GLN A 26 26.80 -1.12 -9.40
N ASP A 27 27.44 -1.95 -8.59
CA ASP A 27 28.09 -1.51 -7.36
C ASP A 27 29.33 -0.71 -7.78
N ASN A 28 29.64 0.40 -7.10
CA ASN A 28 30.82 1.21 -7.40
C ASN A 28 30.89 1.59 -8.89
N TRP A 29 29.73 1.97 -9.44
CA TRP A 29 29.56 2.32 -10.85
C TRP A 29 30.60 3.35 -11.31
N LEU A 30 31.42 2.99 -12.31
CA LEU A 30 32.45 3.86 -12.85
C LEU A 30 33.46 4.36 -11.81
N GLY A 31 33.67 3.58 -10.76
CA GLY A 31 34.61 3.88 -9.68
C GLY A 31 34.23 5.01 -8.75
N THR A 32 32.96 5.43 -8.78
CA THR A 32 32.46 6.53 -7.97
C THR A 32 32.22 6.21 -6.49
N GLY A 33 32.13 4.93 -6.16
CA GLY A 33 31.75 4.51 -4.81
C GLY A 33 30.23 4.44 -4.64
N TYR A 34 29.45 4.72 -5.70
CA TYR A 34 27.99 4.67 -5.64
C TYR A 34 27.48 3.46 -6.37
N ALA A 35 26.57 2.73 -5.74
CA ALA A 35 25.86 1.63 -6.37
C ALA A 35 24.75 2.32 -7.15
N VAL A 36 24.64 2.04 -8.45
CA VAL A 36 23.66 2.69 -9.31
C VAL A 36 22.70 1.65 -9.83
N GLY A 37 21.40 1.94 -9.78
CA GLY A 37 20.40 1.01 -10.26
C GLY A 37 19.32 1.67 -11.10
N ILE A 38 18.85 0.97 -12.11
CA ILE A 38 17.75 1.43 -12.96
C ILE A 38 16.78 0.27 -12.98
N ASN A 39 15.55 0.46 -12.46
CA ASN A 39 14.60 -0.65 -12.45
C ASN A 39 13.18 -0.20 -12.67
N GLY A 40 12.39 -1.09 -13.26
CA GLY A 40 11.00 -0.85 -13.57
C GLY A 40 10.14 -2.05 -13.19
N THR A 41 8.88 -1.78 -12.87
CA THR A 41 7.91 -2.81 -12.52
C THR A 41 6.57 -2.47 -13.18
N LYS A 42 5.82 -3.49 -13.55
CA LYS A 42 4.49 -3.30 -14.12
C LYS A 42 3.56 -4.39 -13.61
N ASN A 43 2.37 -4.00 -13.16
CA ASN A 43 1.38 -4.97 -12.71
C ASN A 43 0.01 -4.50 -13.23
N ASP A 44 -1.12 -5.05 -12.73
CA ASP A 44 -2.45 -4.66 -13.23
C ASP A 44 -2.78 -3.19 -13.16
N TYR A 45 -2.31 -2.49 -12.11
CA TYR A 45 -2.70 -1.09 -11.91
C TYR A 45 -1.55 -0.06 -11.99
N GLN A 46 -0.27 -0.51 -11.93
CA GLN A 46 0.83 0.47 -11.90
C GLN A 46 2.05 0.11 -12.74
N THR A 47 2.65 1.13 -13.37
CA THR A 47 3.98 1.04 -13.96
C THR A 47 4.84 1.99 -13.13
N TYR A 48 5.95 1.49 -12.61
CA TYR A 48 6.85 2.27 -11.78
C TYR A 48 8.26 2.13 -12.30
N ALA A 49 9.02 3.22 -12.38
CA ALA A 49 10.44 3.11 -12.77
C ALA A 49 11.27 4.03 -11.89
N GLU A 50 12.52 3.63 -11.63
CA GLU A 50 13.40 4.46 -10.83
C GLU A 50 14.87 4.35 -11.23
N LEU A 51 15.60 5.42 -10.98
CA LEU A 51 17.06 5.48 -11.09
C LEU A 51 17.48 5.79 -9.66
N SER A 52 18.38 4.97 -9.10
CA SER A 52 18.87 5.22 -7.75
C SER A 52 20.40 5.22 -7.73
N VAL A 53 20.99 6.07 -6.88
CA VAL A 53 22.44 6.13 -6.70
C VAL A 53 22.66 6.20 -5.20
N THR A 54 23.40 5.23 -4.61
CA THR A 54 23.62 5.22 -3.17
C THR A 54 25.02 4.84 -2.79
N ASN A 55 25.56 5.57 -1.84
CA ASN A 55 26.87 5.28 -1.31
C ASN A 55 26.63 4.80 0.12
N PRO A 56 26.90 3.50 0.40
CA PRO A 56 26.66 2.99 1.76
C PRO A 56 27.63 3.55 2.78
N TYR A 57 28.76 4.11 2.32
CA TYR A 57 29.76 4.70 3.18
C TYR A 57 30.06 6.16 2.79
N PHE A 58 29.04 7.03 2.91
CA PHE A 58 29.17 8.48 2.71
C PHE A 58 30.14 9.03 3.77
N THR A 59 30.10 8.47 5.01
CA THR A 59 31.14 8.69 6.02
C THR A 59 31.84 7.33 6.25
N VAL A 60 33.02 7.34 6.86
CA VAL A 60 33.73 6.10 7.15
C VAL A 60 32.98 5.23 8.18
N ASP A 61 32.03 5.83 8.95
CA ASP A 61 31.26 5.14 9.96
C ASP A 61 29.94 4.53 9.41
N GLY A 62 29.79 4.47 8.09
CA GLY A 62 28.65 3.81 7.48
C GLY A 62 27.39 4.64 7.36
N VAL A 63 27.49 5.99 7.50
CA VAL A 63 26.33 6.86 7.21
C VAL A 63 26.22 6.83 5.68
N SER A 64 25.03 6.53 5.16
CA SER A 64 24.82 6.43 3.74
C SER A 64 24.16 7.68 3.16
N LEU A 65 24.41 7.94 1.87
CA LEU A 65 23.77 9.03 1.14
C LEU A 65 23.20 8.42 -0.13
N GLY A 66 21.89 8.58 -0.35
CA GLY A 66 21.25 8.04 -1.55
C GLY A 66 20.36 9.05 -2.23
N GLY A 67 20.22 8.92 -3.54
CA GLY A 67 19.37 9.80 -4.34
C GLY A 67 18.55 8.97 -5.30
N ARG A 68 17.37 9.47 -5.67
CA ARG A 68 16.52 8.73 -6.55
C ARG A 68 15.71 9.63 -7.46
N LEU A 69 15.44 9.16 -8.65
CA LEU A 69 14.54 9.72 -9.66
C LEU A 69 13.50 8.63 -9.88
N PHE A 70 12.21 8.99 -9.94
CA PHE A 70 11.19 7.97 -10.08
C PHE A 70 10.00 8.48 -10.89
N TYR A 71 9.24 7.55 -11.43
CA TYR A 71 8.06 7.80 -12.22
C TYR A 71 6.99 6.76 -11.83
N ASN A 72 5.72 7.14 -11.82
CA ASN A 72 4.61 6.27 -11.45
C ASN A 72 3.41 6.57 -12.37
N ASP A 73 2.82 5.54 -12.99
CA ASP A 73 1.62 5.67 -13.82
C ASP A 73 0.63 4.75 -13.11
N PHE A 74 -0.45 5.29 -12.56
CA PHE A 74 -1.38 4.50 -11.77
C PHE A 74 -2.80 4.65 -12.23
N GLN A 75 -3.51 3.53 -12.39
CA GLN A 75 -4.91 3.55 -12.79
CA GLN A 75 -4.91 3.54 -12.80
C GLN A 75 -5.73 2.96 -11.65
N ALA A 76 -6.40 3.83 -10.86
CA ALA A 76 -7.11 3.44 -9.65
C ALA A 76 -8.22 2.41 -9.82
N ASP A 77 -8.95 2.43 -10.94
CA ASP A 77 -10.00 1.41 -11.12
CA ASP A 77 -9.99 1.42 -11.20
C ASP A 77 -9.39 -0.01 -11.17
N ASP A 78 -8.16 -0.14 -11.69
CA ASP A 78 -7.44 -1.40 -11.76
C ASP A 78 -6.97 -1.93 -10.40
N ALA A 79 -6.97 -1.06 -9.34
CA ALA A 79 -6.67 -1.40 -7.96
C ALA A 79 -8.00 -1.52 -7.13
N ASP A 80 -9.16 -1.63 -7.80
CA ASP A 80 -10.46 -1.75 -7.14
C ASP A 80 -10.84 -0.53 -6.30
N LEU A 81 -10.44 0.66 -6.75
CA LEU A 81 -10.82 1.90 -6.11
C LEU A 81 -11.78 2.66 -7.04
N SER A 82 -12.43 3.75 -6.55
CA SER A 82 -13.21 4.63 -7.43
C SER A 82 -12.17 5.23 -8.45
N ASP A 83 -12.57 5.38 -9.70
CA ASP A 83 -11.66 5.70 -10.78
C ASP A 83 -10.99 7.06 -10.75
N TYR A 84 -9.71 7.02 -11.09
CA TYR A 84 -8.84 8.16 -11.35
C TYR A 84 -7.53 7.68 -11.94
N THR A 85 -6.82 8.57 -12.62
CA THR A 85 -5.50 8.28 -13.14
C THR A 85 -4.53 9.22 -12.48
N ASN A 86 -3.37 8.72 -12.07
CA ASN A 86 -2.33 9.55 -11.52
C ASN A 86 -1.03 9.23 -12.23
N LYS A 87 -0.38 10.26 -12.74
CA LYS A 87 0.94 10.13 -13.34
C LYS A 87 1.79 11.05 -12.50
N SER A 88 2.75 10.47 -11.81
CA SER A 88 3.59 11.24 -10.92
C SER A 88 5.05 10.95 -11.09
N TYR A 89 5.88 11.88 -10.68
CA TYR A 89 7.33 11.70 -10.75
C TYR A 89 7.97 12.59 -9.73
N GLY A 90 9.24 12.34 -9.46
CA GLY A 90 9.96 13.17 -8.51
C GLY A 90 11.33 12.68 -8.20
N THR A 91 11.90 13.26 -7.17
CA THR A 91 13.23 12.91 -6.75
C THR A 91 13.34 13.04 -5.25
N ASP A 92 14.30 12.34 -4.66
CA ASP A 92 14.59 12.51 -3.26
C ASP A 92 16.02 12.21 -2.95
N VAL A 93 16.47 12.75 -1.80
CA VAL A 93 17.82 12.56 -1.31
CA VAL A 93 17.83 12.60 -1.29
C VAL A 93 17.68 12.12 0.15
N THR A 94 18.38 11.04 0.55
CA THR A 94 18.23 10.49 1.89
C THR A 94 19.55 10.11 2.56
N LEU A 95 19.72 10.52 3.81
CA LEU A 95 20.86 10.16 4.64
C LEU A 95 20.37 9.05 5.55
N GLY A 96 21.14 7.96 5.65
CA GLY A 96 20.83 6.82 6.48
C GLY A 96 21.87 6.65 7.58
N PHE A 97 21.43 6.52 8.83
CA PHE A 97 22.33 6.47 9.97
C PHE A 97 22.17 5.17 10.72
N PRO A 98 23.22 4.34 10.73
CA PRO A 98 23.15 3.08 11.50
C PRO A 98 23.41 3.37 12.98
N ILE A 99 22.35 3.57 13.79
CA ILE A 99 22.42 3.89 15.22
C ILE A 99 23.13 2.81 16.01
N ASN A 100 22.72 1.56 15.77
CA ASN A 100 23.34 0.41 16.39
C ASN A 100 23.04 -0.79 15.50
N GLU A 101 23.46 -1.97 15.94
CA GLU A 101 23.28 -3.24 15.24
C GLU A 101 21.85 -3.45 14.67
N TYR A 102 20.82 -3.12 15.46
CA TYR A 102 19.45 -3.40 15.06
C TYR A 102 18.60 -2.20 14.69
N ASN A 103 19.14 -0.99 14.78
CA ASN A 103 18.38 0.22 14.48
C ASN A 103 19.05 1.11 13.44
N SER A 104 18.26 1.69 12.57
CA SER A 104 18.72 2.71 11.64
C SER A 104 17.71 3.83 11.55
N LEU A 105 18.19 5.04 11.31
CA LEU A 105 17.36 6.23 11.14
C LEU A 105 17.61 6.80 9.75
N ARG A 106 16.60 7.43 9.15
CA ARG A 106 16.71 8.03 7.81
C ARG A 106 16.14 9.43 7.86
N ALA A 107 16.77 10.36 7.14
CA ALA A 107 16.28 11.74 7.04
C ALA A 107 16.53 12.18 5.60
N GLY A 108 15.50 12.70 4.95
CA GLY A 108 15.61 13.11 3.57
C GLY A 108 14.71 14.24 3.16
N LEU A 109 14.92 14.68 1.93
CA LEU A 109 14.15 15.74 1.29
C LEU A 109 13.63 15.17 -0.01
N GLY A 110 12.38 15.46 -0.33
CA GLY A 110 11.79 14.97 -1.55
C GLY A 110 10.99 16.00 -2.32
N TYR A 111 10.87 15.78 -3.61
CA TYR A 111 10.03 16.60 -4.50
C TYR A 111 9.14 15.61 -5.25
N VAL A 112 7.85 15.94 -5.41
CA VAL A 112 6.94 15.10 -6.16
C VAL A 112 5.91 15.93 -6.91
N HIS A 113 5.74 15.60 -8.17
CA HIS A 113 4.74 16.22 -9.01
C HIS A 113 3.65 15.18 -9.19
N ASN A 114 2.39 15.53 -8.95
CA ASN A 114 1.30 14.59 -9.18
C ASN A 114 0.38 15.21 -10.22
N SER A 115 0.00 14.43 -11.25
CA SER A 115 -0.91 14.90 -12.29
CA SER A 115 -0.92 14.89 -12.30
C SER A 115 -2.13 13.98 -12.27
N LEU A 116 -3.20 14.45 -11.70
CA LEU A 116 -4.45 13.69 -11.56
C LEU A 116 -5.34 14.02 -12.75
N SER A 117 -6.06 13.00 -13.28
CA SER A 117 -7.01 13.19 -14.37
C SER A 117 -8.00 12.03 -14.40
N ASN A 118 -9.05 12.14 -15.22
CA ASN A 118 -10.08 11.11 -15.38
C ASN A 118 -10.70 10.71 -14.04
N MET A 119 -10.87 11.70 -13.13
CA MET A 119 -11.44 11.43 -11.82
C MET A 119 -12.95 11.30 -11.92
N GLN A 120 -13.53 10.14 -11.50
CA GLN A 120 -14.98 10.04 -11.52
C GLN A 120 -15.47 10.82 -10.29
N PRO A 121 -16.35 11.82 -10.51
CA PRO A 121 -16.79 12.67 -9.38
C PRO A 121 -17.43 11.93 -8.22
N GLN A 122 -16.87 12.18 -7.02
CA GLN A 122 -17.41 11.59 -5.81
C GLN A 122 -17.09 12.51 -4.62
N VAL A 123 -17.91 12.44 -3.56
CA VAL A 123 -17.96 13.38 -2.44
C VAL A 123 -16.62 13.62 -1.76
N ALA A 124 -15.98 12.56 -1.21
CA ALA A 124 -14.72 12.71 -0.49
C ALA A 124 -13.63 13.32 -1.35
N MET A 125 -13.53 12.88 -2.61
CA MET A 125 -12.49 13.38 -3.52
C MET A 125 -12.74 14.85 -3.86
N TRP A 126 -14.03 15.22 -4.11
CA TRP A 126 -14.36 16.61 -4.42
C TRP A 126 -14.19 17.54 -3.21
N ARG A 127 -14.41 17.01 -1.99
CA ARG A 127 -14.20 17.73 -0.73
C ARG A 127 -12.70 18.10 -0.58
N TYR A 128 -11.78 17.16 -0.89
CA TYR A 128 -10.34 17.50 -0.89
C TYR A 128 -10.08 18.58 -1.97
N LEU A 129 -10.59 18.39 -3.21
CA LEU A 129 -10.35 19.34 -4.31
C LEU A 129 -10.82 20.76 -3.94
N TYR A 130 -11.98 20.86 -3.32
CA TYR A 130 -12.58 22.12 -2.85
C TYR A 130 -11.64 22.77 -1.82
N SER A 131 -11.06 21.98 -0.88
CA SER A 131 -10.12 22.53 0.10
C SER A 131 -8.86 23.10 -0.56
N MET A 132 -8.53 22.67 -1.79
CA MET A 132 -7.39 23.20 -2.53
C MET A 132 -7.80 24.37 -3.45
N GLY A 133 -9.08 24.75 -3.48
CA GLY A 133 -9.56 25.81 -4.37
C GLY A 133 -9.85 25.29 -5.78
N GLU A 134 -10.04 23.97 -5.94
CA GLU A 134 -10.34 23.37 -7.24
C GLU A 134 -11.76 22.96 -7.30
N HIS A 135 -12.49 23.41 -8.33
CA HIS A 135 -13.92 23.13 -8.43
C HIS A 135 -14.28 22.57 -9.79
N PRO A 136 -13.88 21.32 -10.10
CA PRO A 136 -14.27 20.75 -11.38
C PRO A 136 -15.75 20.33 -11.38
N SER A 137 -16.29 20.13 -12.57
CA SER A 137 -17.65 19.68 -12.75
C SER A 137 -17.90 18.33 -12.02
N THR A 138 -19.10 18.14 -11.48
CA THR A 138 -19.50 16.90 -10.84
C THR A 138 -20.21 15.94 -11.81
N SER A 139 -20.42 16.34 -13.09
CA SER A 139 -21.17 15.51 -14.03
C SER A 139 -20.36 14.97 -15.18
N ASP A 140 -19.03 15.03 -15.10
CA ASP A 140 -18.15 14.56 -16.17
CA ASP A 140 -18.18 14.49 -16.15
C ASP A 140 -16.84 14.04 -15.56
N GLN A 141 -16.25 13.03 -16.19
CA GLN A 141 -14.97 12.46 -15.77
C GLN A 141 -13.76 13.13 -16.45
N ASP A 142 -13.97 14.17 -17.26
CA ASP A 142 -12.89 14.87 -17.95
C ASP A 142 -12.42 16.03 -17.11
N ASN A 143 -11.28 15.85 -16.45
CA ASN A 143 -10.78 16.85 -15.52
C ASN A 143 -9.28 16.71 -15.34
N SER A 144 -8.67 17.68 -14.66
CA SER A 144 -7.24 17.68 -14.49
C SER A 144 -6.90 18.45 -13.21
N PHE A 145 -5.92 17.96 -12.44
CA PHE A 145 -5.49 18.66 -11.24
C PHE A 145 -4.04 18.28 -10.99
N LYS A 146 -3.14 19.26 -10.91
CA LYS A 146 -1.72 18.99 -10.74
C LYS A 146 -1.17 19.67 -9.52
N THR A 147 -0.25 18.99 -8.80
CA THR A 147 0.36 19.60 -7.64
C THR A 147 1.86 19.35 -7.65
N ASP A 148 2.60 20.23 -6.96
CA ASP A 148 4.04 20.11 -6.79
C ASP A 148 4.32 20.27 -5.31
N ASP A 149 4.91 19.23 -4.71
CA ASP A 149 5.14 19.21 -3.28
C ASP A 149 6.59 18.96 -2.95
N PHE A 150 7.05 19.55 -1.87
CA PHE A 150 8.40 19.34 -1.34
C PHE A 150 8.19 18.81 0.08
N THR A 151 8.91 17.73 0.48
CA THR A 151 8.71 17.17 1.82
C THR A 151 9.98 16.91 2.57
N PHE A 152 9.88 16.92 3.91
CA PHE A 152 10.93 16.43 4.79
C PHE A 152 10.45 14.98 5.12
N ASN A 153 11.33 14.00 4.97
CA ASN A 153 10.99 12.60 5.17
C ASN A 153 11.86 12.01 6.25
N TYR A 154 11.26 11.23 7.12
CA TYR A 154 12.02 10.60 8.21
C TYR A 154 11.60 9.14 8.38
N GLY A 155 12.53 8.34 8.89
CA GLY A 155 12.26 6.95 9.09
C GLY A 155 13.06 6.32 10.20
N TRP A 156 12.53 5.22 10.73
CA TRP A 156 13.22 4.41 11.73
C TRP A 156 12.89 2.96 11.44
N THR A 157 13.92 2.12 11.37
CA THR A 157 13.70 0.69 11.23
C THR A 157 14.46 -0.04 12.32
N TYR A 158 13.75 -0.88 13.05
CA TYR A 158 14.31 -1.78 14.04
C TYR A 158 14.16 -3.17 13.40
N ASN A 159 15.23 -3.94 13.31
CA ASN A 159 15.12 -5.31 12.79
C ASN A 159 15.99 -6.26 13.59
N LYS A 160 15.37 -7.10 14.42
CA LYS A 160 16.09 -8.14 15.15
C LYS A 160 15.43 -9.51 14.87
N LEU A 161 14.93 -9.74 13.64
CA LEU A 161 14.36 -11.03 13.26
C LEU A 161 15.50 -12.05 13.24
N ASP A 162 15.28 -13.26 13.75
CA ASP A 162 16.34 -14.26 13.87
C ASP A 162 16.86 -14.81 12.54
N ARG A 163 16.06 -14.73 11.47
CA ARG A 163 16.53 -15.17 10.16
C ARG A 163 15.79 -14.44 9.04
N GLY A 164 16.40 -14.44 7.86
CA GLY A 164 15.89 -13.73 6.68
C GLY A 164 14.68 -14.34 6.03
N TYR A 165 14.31 -15.55 6.41
CA TYR A 165 13.14 -16.23 5.86
C TYR A 165 12.49 -17.02 7.01
N PHE A 166 11.15 -17.13 7.04
CA PHE A 166 10.43 -17.84 8.10
C PHE A 166 10.96 -17.50 9.52
N PRO A 167 10.85 -16.22 9.96
CA PRO A 167 11.35 -15.88 11.30
C PRO A 167 10.66 -16.69 12.40
N THR A 168 11.40 -17.00 13.45
CA THR A 168 10.86 -17.73 14.61
C THR A 168 10.95 -16.90 15.90
N ASP A 169 11.67 -15.77 15.88
CA ASP A 169 11.88 -14.96 17.07
C ASP A 169 12.25 -13.52 16.65
N GLY A 170 12.02 -12.56 17.53
CA GLY A 170 12.41 -11.19 17.27
C GLY A 170 11.33 -10.36 16.63
N SER A 171 11.66 -9.10 16.38
CA SER A 171 10.70 -8.16 15.79
CA SER A 171 10.71 -8.12 15.82
C SER A 171 11.30 -7.28 14.71
N ARG A 172 10.43 -6.80 13.82
CA ARG A 172 10.79 -5.84 12.81
C ARG A 172 9.76 -4.69 12.97
N VAL A 173 10.22 -3.48 13.18
CA VAL A 173 9.37 -2.31 13.32
C VAL A 173 9.83 -1.27 12.28
N ASN A 174 8.89 -0.68 11.54
CA ASN A 174 9.25 0.38 10.60
C ASN A 174 8.32 1.58 10.82
N LEU A 175 8.88 2.74 11.05
CA LEU A 175 8.12 3.96 11.25
C LEU A 175 8.55 4.91 10.13
N THR A 176 7.60 5.41 9.36
CA THR A 176 7.87 6.33 8.27
C THR A 176 7.00 7.56 8.46
N GLY A 177 7.56 8.73 8.22
CA GLY A 177 6.78 9.94 8.28
C GLY A 177 7.23 10.97 7.29
N LYS A 178 6.34 11.90 7.00
CA LYS A 178 6.69 13.00 6.15
C LYS A 178 5.78 14.21 6.44
N VAL A 179 6.27 15.37 6.07
CA VAL A 179 5.53 16.61 6.22
C VAL A 179 5.92 17.51 5.05
N THR A 180 4.94 18.22 4.47
CA THR A 180 5.23 19.16 3.41
C THR A 180 6.04 20.35 3.95
N ILE A 181 6.86 20.93 3.07
CA ILE A 181 7.65 22.12 3.36
C ILE A 181 6.94 23.32 2.77
N PRO A 182 6.92 24.49 3.48
CA PRO A 182 6.23 25.68 2.92
C PRO A 182 6.68 26.00 1.51
N GLY A 183 5.72 26.29 0.65
CA GLY A 183 5.98 26.43 -0.79
C GLY A 183 5.44 25.25 -1.59
N SER A 184 5.00 24.16 -0.90
CA SER A 184 4.36 23.02 -1.55
C SER A 184 2.90 23.43 -1.85
N ASP A 185 2.25 22.79 -2.82
CA ASP A 185 0.85 23.05 -3.11
C ASP A 185 0.01 22.44 -1.97
N ASN A 186 0.29 21.17 -1.63
CA ASN A 186 -0.40 20.51 -0.54
C ASN A 186 0.22 20.93 0.80
N GLU A 187 -0.53 20.78 1.89
CA GLU A 187 -0.02 21.08 3.23
C GLU A 187 -0.52 19.97 4.14
N TYR A 188 0.34 19.01 4.48
CA TYR A 188 -0.09 17.87 5.28
C TYR A 188 1.10 17.16 5.89
N TYR A 189 0.81 16.21 6.79
CA TYR A 189 1.78 15.31 7.38
C TYR A 189 1.16 13.91 7.24
N LYS A 190 2.00 12.89 7.31
CA LYS A 190 1.55 11.52 7.16
C LYS A 190 2.54 10.60 7.88
N VAL A 191 2.03 9.66 8.71
CA VAL A 191 2.84 8.71 9.49
C VAL A 191 2.32 7.30 9.30
N THR A 192 3.24 6.33 9.16
CA THR A 192 2.91 4.94 8.99
C THR A 192 3.80 4.14 9.94
N LEU A 193 3.22 3.16 10.63
CA LEU A 193 3.97 2.30 11.55
C LEU A 193 3.62 0.84 11.23
N ASP A 194 4.63 0.00 11.01
CA ASP A 194 4.42 -1.41 10.80
C ASP A 194 5.19 -2.19 11.86
N THR A 195 4.61 -3.23 12.42
CA THR A 195 5.34 -4.10 13.38
C THR A 195 5.03 -5.56 13.07
N ALA A 196 6.01 -6.44 13.27
CA ALA A 196 5.84 -7.88 13.16
C ALA A 196 6.69 -8.43 14.31
N THR A 197 6.08 -9.19 15.24
CA THR A 197 6.81 -9.73 16.37
C THR A 197 6.57 -11.22 16.44
N TYR A 198 7.63 -12.02 16.50
CA TYR A 198 7.53 -13.48 16.60
C TYR A 198 7.96 -13.95 17.96
N VAL A 199 7.14 -14.77 18.60
CA VAL A 199 7.45 -15.33 19.91
C VAL A 199 7.43 -16.84 19.82
N PRO A 200 8.62 -17.47 19.94
CA PRO A 200 8.66 -18.94 19.88
C PRO A 200 8.09 -19.57 21.16
N ILE A 201 7.32 -20.65 21.04
CA ILE A 201 6.72 -21.32 22.21
C ILE A 201 7.59 -22.50 22.67
N ASP A 202 7.98 -23.37 21.74
CA ASP A 202 8.77 -24.56 22.07
C ASP A 202 10.26 -24.29 21.93
N ASP A 203 11.10 -25.12 22.54
CA ASP A 203 12.56 -24.99 22.44
C ASP A 203 13.03 -25.13 20.98
N ASP A 204 12.34 -25.93 20.15
CA ASP A 204 12.74 -26.13 18.75
C ASP A 204 12.18 -25.08 17.78
N HIS A 205 11.45 -24.07 18.27
CA HIS A 205 10.90 -22.98 17.46
C HIS A 205 9.98 -23.43 16.28
N LYS A 206 9.27 -24.55 16.45
CA LYS A 206 8.31 -25.06 15.46
C LYS A 206 6.88 -24.53 15.69
N TRP A 207 6.59 -24.00 16.89
CA TRP A 207 5.31 -23.43 17.28
C TRP A 207 5.64 -21.98 17.66
N VAL A 208 5.20 -21.02 16.84
CA VAL A 208 5.54 -19.61 16.99
C VAL A 208 4.29 -18.75 16.92
N VAL A 209 4.20 -17.70 17.77
CA VAL A 209 3.08 -16.76 17.67
C VAL A 209 3.63 -15.50 17.03
N LEU A 210 2.95 -15.04 15.98
CA LEU A 210 3.24 -13.78 15.31
C LEU A 210 2.11 -12.80 15.66
N GLY A 211 2.51 -11.62 16.12
CA GLY A 211 1.63 -10.49 16.36
C GLY A 211 2.06 -9.42 15.37
N ARG A 212 1.13 -8.98 14.54
CA ARG A 212 1.43 -8.02 13.47
C ARG A 212 0.48 -6.82 13.55
N THR A 213 1.00 -5.61 13.37
CA THR A 213 0.16 -4.42 13.36
C THR A 213 0.62 -3.50 12.23
N ARG A 214 -0.30 -2.67 11.79
CA ARG A 214 -0.03 -1.67 10.79
C ARG A 214 -0.95 -0.48 11.15
N TRP A 215 -0.39 0.72 11.22
CA TRP A 215 -1.15 1.92 11.56
C TRP A 215 -0.78 2.99 10.53
N GLY A 216 -1.75 3.81 10.17
CA GLY A 216 -1.51 4.92 9.28
C GLY A 216 -2.35 6.10 9.71
N TYR A 217 -1.75 7.31 9.76
CA TYR A 217 -2.50 8.52 10.08
C TYR A 217 -1.84 9.69 9.40
N GLY A 218 -2.65 10.47 8.72
CA GLY A 218 -2.24 11.69 8.08
C GLY A 218 -3.36 12.71 8.11
N ASP A 219 -3.03 14.00 8.02
CA ASP A 219 -4.09 15.05 8.00
C ASP A 219 -3.48 16.31 7.44
N GLY A 220 -4.36 17.17 6.98
CA GLY A 220 -3.95 18.43 6.42
C GLY A 220 -3.57 19.41 7.51
N LEU A 221 -2.76 20.34 7.09
CA LEU A 221 -2.32 21.45 7.91
C LEU A 221 -3.14 22.59 7.34
N GLY A 222 -3.69 23.35 8.26
CA GLY A 222 -4.59 24.44 7.92
C GLY A 222 -5.90 23.87 7.44
N GLY A 223 -6.52 24.61 6.54
CA GLY A 223 -7.80 24.21 5.96
C GLY A 223 -7.70 23.20 4.84
N LYS A 224 -6.48 22.90 4.35
CA LYS A 224 -6.34 21.90 3.29
C LYS A 224 -6.40 20.50 3.89
N GLU A 225 -6.88 19.54 3.13
CA GLU A 225 -6.88 18.14 3.60
C GLU A 225 -5.67 17.43 3.02
N MET A 226 -5.31 16.26 3.57
CA MET A 226 -4.29 15.42 2.98
C MET A 226 -4.87 14.93 1.60
N PRO A 227 -4.05 14.93 0.52
CA PRO A 227 -4.59 14.48 -0.77
C PRO A 227 -5.07 13.02 -0.74
N PHE A 228 -6.18 12.74 -1.42
CA PHE A 228 -6.73 11.38 -1.52
C PHE A 228 -5.72 10.44 -2.16
N TYR A 229 -4.78 10.96 -3.01
CA TYR A 229 -3.76 10.12 -3.63
C TYR A 229 -2.66 9.70 -2.63
N GLU A 230 -2.75 10.11 -1.36
CA GLU A 230 -1.87 9.68 -0.27
C GLU A 230 -2.67 8.79 0.76
N ASN A 231 -3.90 8.43 0.45
CA ASN A 231 -4.74 7.65 1.35
C ASN A 231 -4.10 6.31 1.73
N PHE A 232 -4.60 5.74 2.83
CA PHE A 232 -4.26 4.42 3.30
C PHE A 232 -5.38 3.48 2.87
N TYR A 233 -5.05 2.21 2.76
CA TYR A 233 -5.98 1.15 2.36
C TYR A 233 -5.81 -0.07 3.25
N ALA A 234 -6.82 -0.95 3.25
CA ALA A 234 -6.66 -2.24 3.95
C ALA A 234 -7.51 -3.29 3.27
N GLY A 235 -7.15 -4.55 3.46
CA GLY A 235 -7.89 -5.65 2.83
C GLY A 235 -7.09 -6.24 1.69
N GLY A 236 -6.98 -7.56 1.70
CA GLY A 236 -6.24 -8.25 0.65
C GLY A 236 -5.28 -9.29 1.19
N SER A 237 -4.55 -9.95 0.29
CA SER A 237 -3.64 -11.05 0.61
C SER A 237 -2.51 -10.72 1.58
N SER A 238 -2.13 -9.45 1.72
CA SER A 238 -1.01 -9.08 2.59
C SER A 238 -1.38 -8.22 3.79
N THR A 239 -2.68 -7.91 3.99
CA THR A 239 -3.08 -7.07 5.12
C THR A 239 -4.15 -7.78 5.98
N VAL A 240 -5.41 -7.86 5.49
CA VAL A 240 -6.57 -8.46 6.14
C VAL A 240 -7.04 -9.50 5.15
N ARG A 241 -6.51 -10.71 5.31
CA ARG A 241 -6.75 -11.80 4.37
C ARG A 241 -8.19 -12.25 4.36
N GLY A 242 -8.67 -12.67 3.20
CA GLY A 242 -10.08 -13.05 3.05
C GLY A 242 -10.96 -11.92 2.54
N PHE A 243 -10.40 -10.72 2.39
CA PHE A 243 -11.09 -9.57 1.86
C PHE A 243 -10.47 -9.21 0.56
N GLN A 244 -11.27 -8.69 -0.36
CA GLN A 244 -10.76 -8.27 -1.68
C GLN A 244 -9.80 -7.09 -1.47
N SER A 245 -8.73 -7.03 -2.26
CA SER A 245 -7.74 -5.97 -2.19
C SER A 245 -8.34 -4.54 -2.06
N ASN A 246 -7.93 -3.79 -1.00
CA ASN A 246 -8.33 -2.40 -0.70
C ASN A 246 -9.80 -2.20 -0.38
N THR A 247 -10.59 -3.28 -0.18
CA THR A 247 -12.02 -3.09 0.04
C THR A 247 -12.39 -2.36 1.35
N ILE A 248 -11.57 -2.46 2.39
CA ILE A 248 -11.97 -1.95 3.71
C ILE A 248 -12.03 -0.45 3.80
N GLY A 249 -13.11 0.03 4.38
CA GLY A 249 -13.27 1.43 4.74
C GLY A 249 -14.27 2.19 3.90
N PRO A 250 -14.04 3.50 3.78
CA PRO A 250 -14.98 4.34 3.03
C PRO A 250 -15.23 3.89 1.60
N LYS A 251 -16.46 4.12 1.14
CA LYS A 251 -16.89 3.81 -0.21
C LYS A 251 -17.29 5.13 -0.89
N ALA A 252 -17.04 5.24 -2.20
CA ALA A 252 -17.35 6.46 -2.93
C ALA A 252 -18.84 6.76 -2.90
N VAL A 253 -19.18 8.03 -2.70
CA VAL A 253 -20.57 8.50 -2.83
C VAL A 253 -20.48 9.33 -4.12
N TYR A 254 -20.96 8.76 -5.23
CA TYR A 254 -20.85 9.37 -6.54
C TYR A 254 -21.91 10.42 -6.81
N PHE A 255 -21.56 11.41 -7.63
CA PHE A 255 -22.53 12.41 -8.10
C PHE A 255 -23.07 11.88 -9.46
N PRO A 256 -24.34 12.17 -9.81
CA PRO A 256 -24.86 11.72 -11.12
C PRO A 256 -24.03 12.29 -12.29
N HIS A 257 -23.57 11.42 -13.20
CA HIS A 257 -22.68 11.85 -14.28
C HIS A 257 -22.94 11.17 -15.64
N GLN A 258 -22.54 11.82 -16.73
CA GLN A 258 -22.66 11.22 -18.06
C GLN A 258 -21.36 10.42 -18.27
N ALA A 259 -21.47 9.08 -18.33
CA ALA A 259 -20.30 8.20 -18.48
C ALA A 259 -19.54 8.47 -19.78
N SER A 260 -18.19 8.57 -19.67
CA SER A 260 -17.26 8.90 -20.77
C SER A 260 -17.46 8.08 -22.05
N ASN A 261 -17.61 6.75 -21.93
CA ASN A 261 -17.86 5.92 -23.11
C ASN A 261 -19.02 4.97 -22.83
N TYR A 262 -20.24 5.52 -22.78
CA TYR A 262 -21.43 4.74 -22.46
C TYR A 262 -21.73 3.65 -23.49
N ASP A 263 -22.16 2.48 -22.99
CA ASP A 263 -22.50 1.31 -23.77
C ASP A 263 -23.44 0.50 -22.86
N PRO A 264 -24.69 0.26 -23.28
CA PRO A 264 -25.61 -0.53 -22.42
C PRO A 264 -25.18 -1.99 -22.18
N ASP A 265 -24.05 -2.41 -22.78
CA ASP A 265 -23.46 -3.73 -22.63
C ASP A 265 -22.58 -3.85 -21.36
N TYR A 266 -22.22 -2.73 -20.72
CA TYR A 266 -21.37 -2.74 -19.52
C TYR A 266 -22.03 -2.00 -18.33
N ASP A 267 -21.48 -2.18 -17.11
CA ASP A 267 -22.05 -1.55 -15.91
C ASP A 267 -21.32 -0.25 -15.50
N TYR A 268 -22.10 0.77 -15.12
CA TYR A 268 -21.54 2.05 -14.72
C TYR A 268 -22.06 2.50 -13.34
N GLU A 269 -21.27 3.32 -12.66
CA GLU A 269 -21.64 3.83 -11.34
C GLU A 269 -22.27 5.22 -11.50
N CYS A 270 -23.54 5.38 -11.11
CA CYS A 270 -24.24 6.66 -11.15
C CYS A 270 -24.25 7.31 -12.54
N ALA A 271 -24.63 6.56 -13.58
CA ALA A 271 -24.67 7.10 -14.94
C ALA A 271 -26.05 7.70 -15.23
N THR A 272 -26.09 8.96 -15.74
CA THR A 272 -27.35 9.64 -16.10
C THR A 272 -28.12 8.83 -17.14
N GLN A 273 -27.42 8.14 -18.05
CA GLN A 273 -28.05 7.31 -19.08
C GLN A 273 -28.83 6.12 -18.48
N ASP A 274 -28.43 5.66 -17.28
CA ASP A 274 -29.14 4.62 -16.53
C ASP A 274 -30.33 5.17 -15.69
N GLY A 275 -30.50 6.50 -15.66
CA GLY A 275 -31.57 7.16 -14.94
C GLY A 275 -31.14 7.86 -13.66
N ALA A 276 -29.81 7.95 -13.38
CA ALA A 276 -29.30 8.59 -12.17
C ALA A 276 -29.52 10.11 -12.16
N LYS A 277 -30.26 10.60 -11.16
CA LYS A 277 -30.59 12.01 -10.99
C LYS A 277 -30.16 12.57 -9.61
N ASP A 278 -29.62 11.71 -8.73
CA ASP A 278 -29.17 12.08 -7.40
C ASP A 278 -27.87 11.30 -7.06
N LEU A 279 -27.28 11.59 -5.88
CA LEU A 279 -26.08 10.96 -5.37
C LEU A 279 -26.29 9.44 -5.28
N CYS A 280 -25.26 8.65 -5.62
CA CYS A 280 -25.37 7.20 -5.57
C CYS A 280 -24.41 6.63 -4.56
N LYS A 281 -24.92 5.75 -3.70
CA LYS A 281 -24.11 4.94 -2.80
C LYS A 281 -23.38 3.92 -3.73
N SER A 282 -22.22 3.42 -3.29
CA SER A 282 -21.50 2.44 -4.08
C SER A 282 -20.75 1.46 -3.17
N ASP A 283 -20.14 0.45 -3.78
CA ASP A 283 -19.27 -0.46 -3.05
CA ASP A 283 -19.28 -0.50 -3.08
C ASP A 283 -17.83 -0.30 -3.56
N ASP A 284 -17.48 0.90 -4.13
CA ASP A 284 -16.11 1.12 -4.59
C ASP A 284 -15.32 1.79 -3.49
N ALA A 285 -14.24 1.14 -3.03
CA ALA A 285 -13.40 1.66 -1.98
C ALA A 285 -12.66 2.91 -2.45
N VAL A 286 -12.38 3.83 -1.51
CA VAL A 286 -11.62 5.04 -1.83
C VAL A 286 -10.40 5.23 -0.89
N GLY A 287 -10.29 4.40 0.14
CA GLY A 287 -9.25 4.56 1.15
C GLY A 287 -9.64 5.64 2.13
N GLY A 288 -8.71 6.00 2.98
CA GLY A 288 -8.94 7.02 3.99
C GLY A 288 -7.66 7.59 4.53
N ASN A 289 -7.76 8.69 5.31
CA ASN A 289 -6.57 9.26 5.93
C ASN A 289 -6.19 8.57 7.28
N ALA A 290 -7.00 7.59 7.73
CA ALA A 290 -6.67 6.87 8.98
C ALA A 290 -6.87 5.37 8.77
N MET A 291 -5.96 4.54 9.31
CA MET A 291 -6.02 3.10 9.10
C MET A 291 -5.35 2.35 10.24
N ALA A 292 -5.88 1.17 10.58
CA ALA A 292 -5.29 0.32 11.59
C ALA A 292 -5.61 -1.12 11.22
N VAL A 293 -4.60 -1.96 11.32
CA VAL A 293 -4.69 -3.39 11.04
C VAL A 293 -3.96 -4.10 12.18
N ALA A 294 -4.52 -5.22 12.67
CA ALA A 294 -3.91 -6.04 13.70
C ALA A 294 -4.14 -7.52 13.31
N SER A 295 -3.18 -8.37 13.60
CA SER A 295 -3.29 -9.78 13.30
C SER A 295 -2.57 -10.63 14.34
N LEU A 296 -3.21 -11.73 14.76
CA LEU A 296 -2.58 -12.74 15.65
C LEU A 296 -2.53 -14.03 14.80
N GLU A 297 -1.34 -14.60 14.60
CA GLU A 297 -1.11 -15.75 13.70
C GLU A 297 -0.29 -16.81 14.42
N PHE A 298 -0.79 -18.02 14.45
CA PHE A 298 -0.16 -19.14 15.14
C PHE A 298 0.51 -20.06 14.11
N ILE A 299 1.83 -20.07 14.11
CA ILE A 299 2.62 -20.91 13.21
C ILE A 299 2.78 -22.27 13.86
N THR A 300 2.43 -23.34 13.11
CA THR A 300 2.52 -24.71 13.64
C THR A 300 3.40 -25.57 12.72
N PRO A 301 3.87 -26.77 13.17
CA PRO A 301 4.55 -27.67 12.21
C PRO A 301 3.60 -28.02 11.06
N THR A 302 4.16 -28.29 9.88
CA THR A 302 3.34 -28.63 8.73
C THR A 302 2.94 -30.10 8.79
N PRO A 303 1.64 -30.40 8.74
CA PRO A 303 1.21 -31.80 8.79
C PRO A 303 1.61 -32.60 7.55
N PHE A 304 1.81 -33.92 7.73
CA PHE A 304 2.20 -34.91 6.72
C PHE A 304 3.33 -34.46 5.78
N ILE A 305 4.45 -34.02 6.36
CA ILE A 305 5.65 -33.58 5.62
C ILE A 305 6.91 -34.15 6.32
N SER A 306 8.01 -34.35 5.58
CA SER A 306 9.23 -34.91 6.16
C SER A 306 9.98 -33.90 7.02
N ASP A 307 10.68 -34.36 8.06
CA ASP A 307 11.47 -33.48 8.94
C ASP A 307 12.57 -32.75 8.14
N LYS A 308 13.12 -33.42 7.11
CA LYS A 308 14.15 -32.90 6.23
C LYS A 308 13.62 -31.71 5.43
N TYR A 309 12.36 -31.78 4.98
CA TYR A 309 11.75 -30.71 4.19
C TYR A 309 10.74 -29.85 4.97
N ALA A 310 10.84 -29.86 6.31
CA ALA A 310 9.95 -29.06 7.16
C ALA A 310 10.37 -27.60 7.15
N ASN A 311 11.68 -27.32 7.13
CA ASN A 311 12.21 -25.96 7.10
C ASN A 311 11.88 -25.17 5.81
N SER A 312 11.32 -25.84 4.81
CA SER A 312 10.97 -25.20 3.53
C SER A 312 9.50 -24.78 3.46
N VAL A 313 8.64 -25.31 4.35
CA VAL A 313 7.21 -25.02 4.37
C VAL A 313 6.73 -24.44 5.72
N ARG A 314 5.89 -23.41 5.70
CA ARG A 314 5.31 -22.84 6.92
C ARG A 314 3.78 -22.91 6.90
N THR A 315 3.20 -23.50 7.91
CA THR A 315 1.75 -23.58 8.10
C THR A 315 1.35 -22.64 9.23
N SER A 316 0.25 -21.89 9.07
CA SER A 316 -0.20 -20.96 10.10
C SER A 316 -1.71 -20.76 10.06
N PHE A 317 -2.29 -20.38 11.20
CA PHE A 317 -3.71 -20.14 11.41
C PHE A 317 -3.81 -18.71 11.97
N PHE A 318 -4.74 -17.86 11.46
CA PHE A 318 -4.75 -16.45 11.90
C PHE A 318 -6.11 -15.83 12.11
N TRP A 319 -6.16 -14.75 12.90
CA TRP A 319 -7.30 -13.88 13.07
C TRP A 319 -6.78 -12.49 12.62
N ASP A 320 -7.30 -11.95 11.51
CA ASP A 320 -6.91 -10.65 10.98
C ASP A 320 -8.04 -9.65 11.26
N MET A 321 -7.65 -8.41 11.51
CA MET A 321 -8.59 -7.33 11.85
C MET A 321 -8.13 -6.05 11.16
N GLY A 322 -9.09 -5.25 10.69
CA GLY A 322 -8.73 -4.01 10.01
C GLY A 322 -9.83 -2.97 9.92
N THR A 323 -9.44 -1.69 9.94
CA THR A 323 -10.37 -0.58 9.76
C THR A 323 -9.66 0.57 9.02
N VAL A 324 -10.42 1.29 8.23
CA VAL A 324 -9.93 2.45 7.51
C VAL A 324 -11.06 3.49 7.65
N TRP A 325 -10.71 4.77 7.88
CA TRP A 325 -11.76 5.78 8.01
C TRP A 325 -11.31 7.13 7.48
N ASP A 326 -12.27 8.03 7.29
CA ASP A 326 -12.04 9.35 6.72
C ASP A 326 -12.36 10.33 7.82
N THR A 327 -11.34 10.93 8.43
CA THR A 327 -11.61 11.86 9.56
C THR A 327 -12.37 13.12 9.15
N ASN A 328 -12.36 13.47 7.86
CA ASN A 328 -13.07 14.65 7.38
C ASN A 328 -14.44 14.34 6.77
N TRP A 329 -14.95 13.09 6.91
CA TRP A 329 -16.28 12.77 6.37
C TRP A 329 -17.34 13.56 7.17
N ASP A 330 -18.20 14.31 6.46
CA ASP A 330 -19.20 15.14 7.12
C ASP A 330 -20.51 14.40 7.21
N SER A 331 -20.64 13.64 8.28
CA SER A 331 -21.78 12.81 8.59
C SER A 331 -23.07 13.62 8.71
N SER A 332 -23.01 14.83 9.28
CA SER A 332 -24.24 15.62 9.47
C SER A 332 -24.83 16.11 8.12
N GLN A 333 -23.97 16.36 7.15
CA GLN A 333 -24.34 16.77 5.79
C GLN A 333 -24.82 15.57 4.98
N TYR A 334 -24.28 14.37 5.24
CA TYR A 334 -24.61 13.13 4.53
C TYR A 334 -25.22 12.13 5.50
N SER A 335 -26.33 12.51 6.14
CA SER A 335 -27.00 11.63 7.11
C SER A 335 -27.62 10.39 6.46
N GLY A 336 -27.91 10.44 5.16
CA GLY A 336 -28.46 9.29 4.45
C GLY A 336 -27.43 8.29 3.96
N TYR A 337 -26.17 8.42 4.40
CA TYR A 337 -25.08 7.52 4.01
C TYR A 337 -24.37 6.98 5.25
N PRO A 338 -23.69 5.83 5.17
CA PRO A 338 -22.93 5.37 6.34
C PRO A 338 -21.91 6.41 6.81
N ASP A 339 -21.64 6.47 8.10
CA ASP A 339 -20.69 7.45 8.64
C ASP A 339 -19.26 6.97 8.38
N TYR A 340 -18.66 7.39 7.26
CA TYR A 340 -17.28 6.99 6.95
C TYR A 340 -16.20 7.56 7.87
N SER A 341 -16.53 8.47 8.79
CA SER A 341 -15.56 8.96 9.77
C SER A 341 -15.44 8.03 11.02
N ASP A 342 -16.28 7.01 11.11
CA ASP A 342 -16.36 6.12 12.27
C ASP A 342 -15.21 5.12 12.24
N PRO A 343 -14.27 5.17 13.19
CA PRO A 343 -13.16 4.18 13.16
C PRO A 343 -13.54 2.79 13.67
N SER A 344 -14.74 2.63 14.27
CA SER A 344 -15.12 1.39 14.94
C SER A 344 -15.66 0.30 14.03
N ASN A 345 -15.71 0.51 12.70
CA ASN A 345 -16.21 -0.56 11.82
C ASN A 345 -15.06 -1.52 11.55
N ILE A 346 -14.68 -2.28 12.57
CA ILE A 346 -13.57 -3.23 12.47
C ILE A 346 -13.97 -4.51 11.74
N ARG A 347 -13.29 -4.78 10.62
CA ARG A 347 -13.47 -6.00 9.84
C ARG A 347 -12.63 -7.08 10.47
N MET A 348 -13.12 -8.33 10.39
CA MET A 348 -12.36 -9.45 10.96
C MET A 348 -12.47 -10.66 10.05
N SER A 349 -11.43 -11.47 10.05
CA SER A 349 -11.42 -12.71 9.28
C SER A 349 -10.55 -13.73 10.03
N ALA A 350 -10.78 -15.00 9.72
CA ALA A 350 -10.03 -16.12 10.28
C ALA A 350 -9.64 -16.99 9.09
N GLY A 351 -8.44 -17.53 9.12
CA GLY A 351 -7.99 -18.36 8.03
C GLY A 351 -6.74 -19.15 8.27
N ILE A 352 -6.27 -19.74 7.20
CA ILE A 352 -5.08 -20.56 7.20
CA ILE A 352 -5.08 -20.58 7.19
C ILE A 352 -4.16 -20.12 6.07
N ALA A 353 -2.84 -20.26 6.26
CA ALA A 353 -1.89 -19.91 5.23
C ALA A 353 -0.81 -21.00 5.13
N LEU A 354 -0.35 -21.25 3.90
CA LEU A 354 0.72 -22.20 3.60
C LEU A 354 1.76 -21.44 2.78
N GLN A 355 3.02 -21.50 3.20
CA GLN A 355 4.10 -20.81 2.50
C GLN A 355 5.18 -21.81 2.18
N TRP A 356 5.73 -21.74 0.97
CA TRP A 356 6.78 -22.65 0.55
C TRP A 356 7.92 -21.84 -0.04
N MET A 357 9.13 -21.97 0.53
CA MET A 357 10.32 -21.34 -0.03
C MET A 357 10.79 -22.33 -1.09
N SER A 358 10.15 -22.31 -2.25
CA SER A 358 10.42 -23.24 -3.36
C SER A 358 11.76 -22.91 -4.08
N PRO A 359 12.32 -23.81 -4.93
CA PRO A 359 13.57 -23.46 -5.63
C PRO A 359 13.41 -22.22 -6.52
N LEU A 360 12.21 -22.05 -7.13
CA LEU A 360 11.86 -20.91 -7.96
C LEU A 360 11.65 -19.61 -7.13
N GLY A 361 11.24 -19.76 -5.87
CA GLY A 361 11.03 -18.62 -5.00
C GLY A 361 9.86 -18.78 -4.05
N PRO A 362 9.48 -17.70 -3.36
CA PRO A 362 8.40 -17.80 -2.37
C PRO A 362 6.98 -17.94 -2.93
N LEU A 363 6.26 -18.95 -2.44
CA LEU A 363 4.89 -19.23 -2.85
C LEU A 363 4.04 -19.14 -1.59
N VAL A 364 2.99 -18.34 -1.63
CA VAL A 364 2.12 -18.19 -0.47
C VAL A 364 0.66 -18.39 -0.86
N PHE A 365 -0.05 -19.26 -0.15
CA PHE A 365 -1.47 -19.50 -0.38
C PHE A 365 -2.21 -19.28 0.92
N SER A 366 -3.39 -18.69 0.84
CA SER A 366 -4.21 -18.50 2.01
C SER A 366 -5.68 -18.69 1.71
N TYR A 367 -6.40 -19.16 2.72
CA TYR A 367 -7.83 -19.34 2.62
C TYR A 367 -8.36 -18.77 3.91
N ALA A 368 -9.18 -17.75 3.80
CA ALA A 368 -9.71 -17.06 4.97
C ALA A 368 -11.15 -16.63 4.73
N GLN A 369 -11.90 -16.59 5.78
CA GLN A 369 -13.30 -16.20 5.72
C GLN A 369 -13.52 -14.96 6.57
N PRO A 370 -14.13 -13.91 6.00
CA PRO A 370 -14.56 -12.78 6.83
C PRO A 370 -15.62 -13.25 7.85
N PHE A 371 -15.42 -12.91 9.10
CA PHE A 371 -16.36 -13.19 10.19
C PHE A 371 -17.11 -11.89 10.60
N LYS A 372 -16.58 -10.73 10.20
CA LYS A 372 -17.17 -9.45 10.45
C LYS A 372 -16.88 -8.54 9.28
N LYS A 373 -17.94 -8.14 8.59
CA LYS A 373 -17.82 -7.25 7.46
C LYS A 373 -18.95 -6.24 7.45
N TYR A 374 -18.81 -5.20 6.64
CA TYR A 374 -19.84 -4.15 6.55
C TYR A 374 -20.34 -4.02 5.09
N ASP A 375 -21.43 -3.27 4.90
CA ASP A 375 -22.04 -3.08 3.59
CA ASP A 375 -22.05 -3.07 3.59
C ASP A 375 -21.04 -2.55 2.56
N GLY A 376 -20.97 -3.22 1.43
CA GLY A 376 -20.06 -2.85 0.36
C GLY A 376 -18.72 -3.58 0.37
N ASP A 377 -18.36 -4.24 1.47
CA ASP A 377 -17.07 -4.96 1.52
C ASP A 377 -17.19 -6.20 0.66
N LYS A 378 -16.15 -6.49 -0.09
CA LYS A 378 -16.12 -7.65 -0.97
C LYS A 378 -15.16 -8.68 -0.39
N ALA A 379 -15.56 -9.95 -0.40
CA ALA A 379 -14.76 -11.03 0.12
C ALA A 379 -13.95 -11.67 -1.00
N GLU A 380 -12.82 -12.24 -0.65
CA GLU A 380 -11.96 -12.98 -1.57
C GLU A 380 -11.28 -14.00 -0.68
N GLN A 381 -11.96 -15.13 -0.50
CA GLN A 381 -11.52 -16.16 0.43
C GLN A 381 -10.17 -16.79 0.08
N PHE A 382 -10.00 -17.21 -1.17
CA PHE A 382 -8.78 -17.82 -1.62
C PHE A 382 -7.84 -16.77 -2.24
N GLN A 383 -6.63 -16.66 -1.68
CA GLN A 383 -5.65 -15.70 -2.14
C GLN A 383 -4.28 -16.34 -2.27
N PHE A 384 -3.46 -15.83 -3.19
CA PHE A 384 -2.12 -16.37 -3.32
C PHE A 384 -1.18 -15.41 -3.98
N ASN A 385 0.11 -15.68 -3.84
CA ASN A 385 1.13 -14.85 -4.45
C ASN A 385 2.32 -15.71 -4.78
N ILE A 386 2.91 -15.47 -5.93
CA ILE A 386 4.10 -16.19 -6.40
C ILE A 386 5.15 -15.13 -6.68
N GLY A 387 6.30 -15.25 -6.04
CA GLY A 387 7.38 -14.30 -6.22
C GLY A 387 7.49 -13.32 -5.07
N LYS A 388 8.45 -12.38 -5.17
CA LYS A 388 8.75 -11.40 -4.12
C LYS A 388 7.99 -10.05 -4.26
N THR A 389 7.13 -9.89 -5.27
CA THR A 389 6.36 -8.65 -5.39
C THR A 389 4.89 -8.97 -5.14
N TRP A 390 4.23 -8.12 -4.36
CA TRP A 390 2.85 -8.35 -3.97
C TRP A 390 1.87 -7.37 -4.59
N PHE B 2 7.74 -7.04 -1.06
CA PHE B 2 7.19 -5.70 -0.95
C PHE B 2 5.98 -5.53 -1.82
N ARG B 3 5.18 -4.53 -1.46
CA ARG B 3 3.96 -4.13 -2.13
CA ARG B 3 4.08 -4.11 -2.28
C ARG B 3 4.00 -2.60 -2.20
N ARG B 4 3.65 -1.99 -3.33
CA ARG B 4 3.61 -0.54 -3.39
CA ARG B 4 3.59 -0.54 -3.40
C ARG B 4 2.17 -0.06 -3.35
N TYR B 5 1.96 1.08 -2.74
CA TYR B 5 0.66 1.73 -2.73
C TYR B 5 1.02 3.06 -3.42
N LEU B 7 3.49 5.41 -4.55
CA LEU B 7 4.90 5.59 -4.27
C LEU B 7 5.28 5.11 -2.86
N ASP B 8 4.29 4.82 -1.99
CA ASP B 8 4.52 4.30 -0.65
C ASP B 8 4.90 2.82 -0.71
N ASN B 9 5.70 2.37 0.26
CA ASN B 9 6.17 1.00 0.34
C ASN B 9 5.60 0.30 1.54
N TYR B 10 5.26 -0.96 1.36
CA TYR B 10 4.75 -1.77 2.44
C TYR B 10 5.54 -3.09 2.41
N TRP B 11 6.33 -3.32 3.47
CA TRP B 11 7.11 -4.54 3.58
C TRP B 11 6.11 -5.60 4.04
N VAL B 12 5.93 -6.66 3.27
CA VAL B 12 4.94 -7.69 3.58
C VAL B 12 5.56 -8.69 4.60
N TYR B 14 5.31 -11.78 5.11
CA TYR B 14 5.75 -13.00 4.40
C TYR B 14 7.19 -12.91 3.79
N CYS B 15 7.72 -11.70 3.56
CA CYS B 15 9.08 -11.56 3.02
C CYS B 15 10.19 -11.49 4.09
N GLY B 16 9.83 -11.47 5.38
CA GLY B 16 10.77 -11.31 6.47
C GLY B 16 11.63 -12.49 6.85
#